data_5Q1R
#
_entry.id   5Q1R
#
_cell.length_a   51.947
_cell.length_b   56.977
_cell.length_c   115.025
_cell.angle_alpha   90.000
_cell.angle_beta   90.000
_cell.angle_gamma   90.000
#
_symmetry.space_group_name_H-M   'P 21 21 21'
#
loop_
_entity.id
_entity.type
_entity.pdbx_description
1 polymer 'DNA cross-link repair 1A protein'
2 non-polymer 'MALONATE ION'
3 non-polymer 'NICKEL (II) ION'
4 non-polymer 3-(azepan-1-ylmethyl)-1~{H}-indole
5 water water
#
_entity_poly.entity_id   1
_entity_poly.type   'polypeptide(L)'
_entity_poly.pdbx_seq_one_letter_code
;KKTCPFYKKIPGTGFTVDAFQYGVVEGCTAYFLTHFHSDHYAGLSKHFTFPVYCSEITGNLLKNKLHVQEQYIHPLPLDT
ECIVNGVKVVLLDANHCPGAVMILFYLPNGTVILHTGDFRADPSMERSLLADQKVHMLYLDTTYCSPEYTFPSQQEVIRF
AINTAFEAVTLNPHALVVCGTYSIGKEKVFLAIADVLGSKVGMSQEKYKTLQCLNIPEINSLITTDMCSSLVHLLPMMQI
NFKGLQSHLKKCGGKYNQILAFRPTGWTHSNKFTRIADVIPQTKGNISIYGIPYSEHSSYLEMKRFVQWLKPQKIIPTVN
VGTWKSRSTMEKYFREWKLEAGY
;
_entity_poly.pdbx_strand_id   A
#
loop_
_chem_comp.id
_chem_comp.type
_chem_comp.name
_chem_comp.formula
AWV non-polymer 3-(azepan-1-ylmethyl)-1~{H}-indole 'C15 H20 N2'
MLI non-polymer 'MALONATE ION' 'C3 H2 O4 -2'
NI non-polymer 'NICKEL (II) ION' 'Ni 2'
#
# COMPACT_ATOMS: atom_id res chain seq x y z
N THR A 3 9.17 -4.44 -23.71
CA THR A 3 10.21 -5.36 -23.13
C THR A 3 10.37 -5.21 -21.61
N CYS A 4 10.47 -6.34 -20.93
CA CYS A 4 10.59 -6.37 -19.48
C CYS A 4 11.92 -5.78 -19.03
N PRO A 5 11.92 -4.78 -18.10
CA PRO A 5 13.18 -4.21 -17.61
C PRO A 5 13.98 -5.14 -16.68
N PHE A 6 15.30 -4.94 -16.61
CA PHE A 6 16.21 -5.84 -15.86
C PHE A 6 15.84 -5.97 -14.37
N TYR A 7 15.37 -4.87 -13.77
CA TYR A 7 15.08 -4.84 -12.34
C TYR A 7 13.79 -5.59 -11.94
N LYS A 8 13.06 -6.15 -12.92
CA LYS A 8 11.94 -7.05 -12.66
C LYS A 8 12.29 -8.55 -12.88
N LYS A 9 13.55 -8.84 -13.20
CA LYS A 9 14.01 -10.21 -13.42
C LYS A 9 14.88 -10.63 -12.24
N ILE A 10 14.69 -11.88 -11.78
CA ILE A 10 15.48 -12.45 -10.68
C ILE A 10 16.60 -13.34 -11.24
N PRO A 11 17.89 -12.92 -11.10
CA PRO A 11 18.97 -13.71 -11.72
C PRO A 11 19.09 -15.13 -11.17
N GLY A 12 19.49 -16.07 -12.02
CA GLY A 12 19.65 -17.46 -11.63
C GLY A 12 18.37 -18.25 -11.49
N THR A 13 17.25 -17.67 -11.94
CA THR A 13 15.93 -18.30 -11.88
C THR A 13 15.14 -18.02 -13.15
N GLY A 14 14.01 -18.71 -13.27
CA GLY A 14 13.01 -18.39 -14.28
C GLY A 14 11.93 -17.41 -13.80
N PHE A 15 12.24 -16.57 -12.81
CA PHE A 15 11.19 -15.77 -12.15
C PHE A 15 11.21 -14.29 -12.54
N THR A 16 10.02 -13.70 -12.67
CA THR A 16 9.87 -12.24 -12.71
C THR A 16 8.97 -11.79 -11.55
N VAL A 17 9.06 -10.50 -11.24
CA VAL A 17 8.27 -9.87 -10.18
C VAL A 17 7.53 -8.64 -10.76
N ASP A 18 6.20 -8.63 -10.60
CA ASP A 18 5.35 -7.52 -11.04
C ASP A 18 5.55 -7.15 -12.53
N ALA A 19 5.58 -8.19 -13.36
CA ALA A 19 5.93 -8.06 -14.79
C ALA A 19 4.85 -8.69 -15.72
N PHE A 20 3.65 -8.10 -15.72
CA PHE A 20 2.48 -8.65 -16.42
C PHE A 20 2.09 -7.85 -17.69
N GLN A 21 2.79 -6.75 -17.97
CA GLN A 21 2.42 -5.80 -19.06
C GLN A 21 3.36 -5.86 -20.27
N TYR A 22 4.14 -6.93 -20.36
CA TYR A 22 5.20 -7.08 -21.36
C TYR A 22 4.97 -8.27 -22.28
N GLY A 23 3.75 -8.80 -22.31
CA GLY A 23 3.46 -10.06 -23.02
C GLY A 23 4.13 -11.26 -22.37
N VAL A 24 4.41 -12.28 -23.18
CA VAL A 24 5.09 -13.48 -22.71
C VAL A 24 6.59 -13.15 -22.56
N VAL A 25 7.09 -13.20 -21.33
CA VAL A 25 8.48 -12.84 -21.06
C VAL A 25 9.36 -14.07 -21.33
N GLU A 26 10.35 -13.93 -22.20
CA GLU A 26 11.17 -15.06 -22.64
C GLU A 26 11.94 -15.66 -21.47
N GLY A 27 11.70 -16.95 -21.22
CA GLY A 27 12.40 -17.68 -20.17
C GLY A 27 11.71 -17.66 -18.81
N CYS A 28 10.55 -17.01 -18.70
CA CYS A 28 9.84 -16.91 -17.42
C CYS A 28 8.90 -18.10 -17.18
N THR A 29 9.22 -18.90 -16.16
CA THR A 29 8.43 -20.08 -15.78
C THR A 29 7.40 -19.81 -14.67
N ALA A 30 7.59 -18.71 -13.93
CA ALA A 30 6.66 -18.32 -12.86
C ALA A 30 6.68 -16.80 -12.68
N TYR A 31 5.48 -16.21 -12.61
CA TYR A 31 5.28 -14.77 -12.44
C TYR A 31 4.83 -14.50 -10.99
N PHE A 32 5.64 -13.79 -10.22
CA PHE A 32 5.25 -13.34 -8.85
C PHE A 32 4.54 -11.99 -8.90
N LEU A 33 3.50 -11.83 -8.06
CA LEU A 33 2.80 -10.55 -7.88
C LEU A 33 2.86 -10.15 -6.40
N THR A 34 3.52 -9.03 -6.09
CA THR A 34 3.75 -8.63 -4.68
C THR A 34 2.46 -8.11 -4.02
N HIS A 35 1.60 -7.42 -4.78
CA HIS A 35 0.38 -6.81 -4.23
C HIS A 35 -0.56 -6.34 -5.33
N PHE A 36 -1.83 -6.15 -4.94
CA PHE A 36 -2.91 -5.74 -5.87
C PHE A 36 -3.04 -4.20 -6.02
N HIS A 37 -2.01 -3.57 -6.58
CA HIS A 37 -2.05 -2.17 -7.03
C HIS A 37 -1.80 -2.15 -8.54
N SER A 38 -2.53 -1.27 -9.25
CA SER A 38 -2.63 -1.35 -10.72
C SER A 38 -1.31 -1.25 -11.49
N ASP A 39 -0.37 -0.43 -11.01
CA ASP A 39 0.94 -0.31 -11.70
C ASP A 39 1.72 -1.65 -11.65
N HIS A 40 1.39 -2.51 -10.67
CA HIS A 40 2.05 -3.80 -10.47
C HIS A 40 1.33 -4.97 -11.14
N TYR A 41 -0.01 -4.99 -11.12
CA TYR A 41 -0.78 -6.05 -11.82
C TYR A 41 -1.10 -5.80 -13.30
N ALA A 42 -0.81 -4.59 -13.80
CA ALA A 42 -1.14 -4.18 -15.17
C ALA A 42 -0.86 -5.28 -16.18
N GLY A 43 -1.90 -5.77 -16.85
CA GLY A 43 -1.79 -6.85 -17.84
C GLY A 43 -2.51 -8.16 -17.52
N LEU A 44 -2.70 -8.47 -16.23
CA LEU A 44 -3.49 -9.65 -15.81
C LEU A 44 -4.98 -9.59 -16.17
N SER A 45 -5.55 -10.75 -16.53
CA SER A 45 -6.97 -10.91 -16.91
C SER A 45 -7.39 -12.39 -16.93
N LYS A 46 -8.66 -12.66 -17.28
CA LYS A 46 -9.17 -14.04 -17.41
C LYS A 46 -8.46 -14.89 -18.47
N HIS A 47 -7.71 -14.26 -19.35
CA HIS A 47 -6.99 -14.93 -20.43
C HIS A 47 -5.53 -15.26 -20.11
N PHE A 48 -5.05 -14.90 -18.91
CA PHE A 48 -3.67 -15.22 -18.50
C PHE A 48 -3.58 -16.72 -18.19
N THR A 49 -2.60 -17.42 -18.79
CA THR A 49 -2.47 -18.88 -18.62
C THR A 49 -1.08 -19.36 -18.18
N PHE A 50 -0.32 -18.53 -17.44
CA PHE A 50 0.92 -18.94 -16.78
C PHE A 50 0.71 -18.95 -15.25
N PRO A 51 1.53 -19.70 -14.49
CA PRO A 51 1.38 -19.71 -13.03
C PRO A 51 1.69 -18.35 -12.38
N VAL A 52 0.78 -17.91 -11.49
CA VAL A 52 0.98 -16.65 -10.73
C VAL A 52 1.13 -17.02 -9.27
N TYR A 53 2.22 -16.55 -8.65
CA TYR A 53 2.48 -16.80 -7.21
C TYR A 53 2.30 -15.50 -6.41
N CYS A 54 1.56 -15.61 -5.30
CA CYS A 54 1.11 -14.42 -4.54
C CYS A 54 0.59 -14.84 -3.15
N SER A 55 0.22 -13.87 -2.32
CA SER A 55 -0.48 -14.15 -1.05
C SER A 55 -1.92 -14.64 -1.28
N GLU A 56 -2.52 -15.19 -0.22
CA GLU A 56 -3.94 -15.61 -0.27
C GLU A 56 -4.86 -14.40 -0.60
N ILE A 57 -4.65 -13.26 0.07
CA ILE A 57 -5.50 -12.06 -0.20
C ILE A 57 -5.36 -11.58 -1.64
N THR A 58 -4.13 -11.49 -2.13
CA THR A 58 -3.93 -11.12 -3.53
C THR A 58 -4.63 -12.09 -4.48
N GLY A 59 -4.55 -13.38 -4.16
CA GLY A 59 -5.25 -14.41 -4.97
C GLY A 59 -6.77 -14.24 -5.00
N ASN A 60 -7.37 -13.87 -3.87
CA ASN A 60 -8.83 -13.60 -3.79
C ASN A 60 -9.20 -12.46 -4.74
N LEU A 61 -8.37 -11.41 -4.77
CA LEU A 61 -8.61 -10.26 -5.65
C LEU A 61 -8.44 -10.61 -7.13
N LEU A 62 -7.40 -11.37 -7.46
CA LEU A 62 -7.20 -11.86 -8.84
C LEU A 62 -8.43 -12.65 -9.35
N LYS A 63 -8.92 -13.57 -8.53
CA LYS A 63 -10.08 -14.42 -8.89
C LYS A 63 -11.36 -13.61 -9.06
N ASN A 64 -11.64 -12.73 -8.10
CA ASN A 64 -12.96 -12.07 -8.06
C ASN A 64 -13.05 -10.73 -8.82
N LYS A 65 -11.96 -9.96 -8.82
CA LYS A 65 -11.93 -8.64 -9.49
C LYS A 65 -11.41 -8.68 -10.94
N LEU A 66 -10.35 -9.44 -11.19
CA LEU A 66 -9.79 -9.58 -12.55
C LEU A 66 -10.24 -10.85 -13.30
N HIS A 67 -10.93 -11.76 -12.62
N HIS A 67 -10.91 -11.76 -12.61
CA HIS A 67 -11.42 -13.04 -13.17
CA HIS A 67 -11.48 -12.95 -13.22
C HIS A 67 -10.37 -13.97 -13.70
C HIS A 67 -10.39 -13.95 -13.72
N VAL A 68 -9.22 -13.98 -13.06
CA VAL A 68 -8.15 -14.94 -13.39
C VAL A 68 -8.63 -16.34 -12.99
N GLN A 69 -8.42 -17.32 -13.86
CA GLN A 69 -8.90 -18.69 -13.59
C GLN A 69 -8.13 -19.31 -12.43
N GLU A 70 -8.88 -19.99 -11.57
CA GLU A 70 -8.36 -20.59 -10.34
C GLU A 70 -7.17 -21.52 -10.53
N GLN A 71 -7.16 -22.27 -11.64
CA GLN A 71 -6.05 -23.21 -11.95
C GLN A 71 -4.66 -22.58 -12.12
N TYR A 72 -4.60 -21.27 -12.38
CA TYR A 72 -3.32 -20.56 -12.54
C TYR A 72 -2.91 -19.72 -11.31
N ILE A 73 -3.77 -19.67 -10.29
CA ILE A 73 -3.47 -18.90 -9.06
C ILE A 73 -2.83 -19.83 -8.02
N HIS A 74 -1.60 -19.50 -7.60
CA HIS A 74 -0.86 -20.26 -6.59
C HIS A 74 -0.63 -19.42 -5.33
N PRO A 75 -1.60 -19.40 -4.40
CA PRO A 75 -1.39 -18.69 -3.15
C PRO A 75 -0.39 -19.42 -2.24
N LEU A 76 0.46 -18.65 -1.55
CA LEU A 76 1.40 -19.20 -0.57
C LEU A 76 1.16 -18.60 0.81
N PRO A 77 1.28 -19.40 1.88
CA PRO A 77 1.20 -18.87 3.24
C PRO A 77 2.40 -17.98 3.55
N LEU A 78 2.23 -17.07 4.49
CA LEU A 78 3.33 -16.21 4.93
C LEU A 78 4.22 -16.93 5.93
N ASP A 79 5.46 -16.45 6.05
CA ASP A 79 6.42 -16.89 7.06
C ASP A 79 6.72 -18.39 6.99
N THR A 80 6.65 -18.96 5.78
CA THR A 80 6.71 -20.42 5.56
C THR A 80 7.64 -20.74 4.37
N GLU A 81 8.64 -21.59 4.58
CA GLU A 81 9.52 -22.00 3.46
C GLU A 81 8.72 -22.86 2.46
N CYS A 82 8.72 -22.44 1.19
CA CYS A 82 8.04 -23.12 0.09
C CYS A 82 9.04 -23.39 -1.04
N ILE A 83 8.81 -24.44 -1.83
CA ILE A 83 9.66 -24.71 -3.02
C ILE A 83 8.81 -24.43 -4.28
N VAL A 84 9.32 -23.54 -5.12
CA VAL A 84 8.69 -23.17 -6.40
C VAL A 84 9.68 -23.44 -7.53
N ASN A 85 9.30 -24.33 -8.45
CA ASN A 85 10.16 -24.69 -9.59
C ASN A 85 11.60 -24.94 -9.16
N GLY A 86 11.76 -25.70 -8.09
CA GLY A 86 13.08 -26.08 -7.59
C GLY A 86 13.86 -25.07 -6.76
N VAL A 87 13.23 -23.94 -6.40
CA VAL A 87 13.87 -22.83 -5.65
C VAL A 87 13.09 -22.56 -4.37
N LYS A 88 13.79 -22.49 -3.24
CA LYS A 88 13.17 -22.13 -1.95
C LYS A 88 12.83 -20.63 -1.92
N VAL A 89 11.59 -20.32 -1.55
CA VAL A 89 11.08 -18.94 -1.38
C VAL A 89 10.29 -18.79 -0.06
N VAL A 90 10.25 -17.56 0.46
CA VAL A 90 9.45 -17.18 1.61
C VAL A 90 8.73 -15.85 1.30
N LEU A 91 7.43 -15.78 1.62
CA LEU A 91 6.69 -14.49 1.59
C LEU A 91 6.61 -13.89 3.01
N LEU A 92 6.86 -12.59 3.12
CA LEU A 92 6.82 -11.84 4.41
C LEU A 92 5.86 -10.65 4.28
N ASP A 93 5.14 -10.31 5.36
CA ASP A 93 4.27 -9.12 5.31
C ASP A 93 5.10 -7.83 5.02
N ALA A 94 4.63 -7.02 4.06
CA ALA A 94 5.34 -5.80 3.61
C ALA A 94 4.90 -4.53 4.37
N ASN A 95 3.89 -4.63 5.27
CA ASN A 95 3.33 -3.42 5.93
C ASN A 95 3.01 -2.33 4.90
N HIS A 96 2.33 -2.74 3.81
CA HIS A 96 1.87 -1.84 2.72
C HIS A 96 0.33 -1.88 2.77
N CYS A 97 -0.35 -2.40 1.73
CA CYS A 97 -1.79 -2.59 1.71
C CYS A 97 -2.12 -4.06 2.04
N PRO A 98 -3.42 -4.39 2.22
CA PRO A 98 -3.76 -5.80 2.52
C PRO A 98 -3.26 -6.77 1.44
N GLY A 99 -2.65 -7.87 1.88
CA GLY A 99 -2.10 -8.88 0.99
C GLY A 99 -0.71 -8.64 0.41
N ALA A 100 -0.14 -7.45 0.68
CA ALA A 100 1.18 -7.08 0.14
C ALA A 100 2.30 -7.85 0.83
N VAL A 101 3.25 -8.35 0.01
CA VAL A 101 4.38 -9.15 0.52
C VAL A 101 5.73 -8.67 0.00
N MET A 102 6.76 -9.00 0.77
CA MET A 102 8.17 -9.06 0.32
C MET A 102 8.46 -10.53 0.01
N ILE A 103 9.43 -10.78 -0.89
CA ILE A 103 9.78 -12.15 -1.31
C ILE A 103 11.28 -12.39 -1.09
N LEU A 104 11.60 -13.47 -0.35
CA LEU A 104 12.98 -13.93 -0.15
C LEU A 104 13.22 -15.11 -1.08
N PHE A 105 14.25 -15.02 -1.92
CA PHE A 105 14.64 -16.09 -2.84
C PHE A 105 15.99 -16.67 -2.41
N TYR A 106 16.07 -18.00 -2.26
CA TYR A 106 17.31 -18.69 -1.89
C TYR A 106 17.84 -19.37 -3.18
N LEU A 107 18.79 -18.74 -3.86
CA LEU A 107 19.27 -19.23 -5.14
C LEU A 107 20.06 -20.54 -4.97
N PRO A 108 20.03 -21.41 -6.00
CA PRO A 108 20.78 -22.67 -5.97
C PRO A 108 22.27 -22.50 -5.63
N ASN A 109 22.88 -21.41 -6.09
CA ASN A 109 24.31 -21.17 -5.85
C ASN A 109 24.68 -20.60 -4.46
N GLY A 110 23.70 -20.35 -3.58
CA GLY A 110 23.96 -19.80 -2.24
C GLY A 110 23.63 -18.31 -2.08
N THR A 111 23.40 -17.62 -3.19
CA THR A 111 22.98 -16.22 -3.15
C THR A 111 21.56 -16.10 -2.55
N VAL A 112 21.35 -15.07 -1.74
CA VAL A 112 20.03 -14.79 -1.12
C VAL A 112 19.61 -13.37 -1.57
N ILE A 113 18.40 -13.28 -2.12
CA ILE A 113 17.83 -12.03 -2.64
C ILE A 113 16.53 -11.68 -1.90
N LEU A 114 16.40 -10.44 -1.44
CA LEU A 114 15.14 -9.93 -0.90
C LEU A 114 14.56 -8.89 -1.86
N HIS A 115 13.31 -9.11 -2.29
CA HIS A 115 12.55 -8.13 -3.09
C HIS A 115 11.46 -7.55 -2.17
N THR A 116 11.52 -6.25 -1.86
CA THR A 116 10.59 -5.67 -0.88
C THR A 116 9.17 -5.44 -1.44
N GLY A 117 8.99 -5.57 -2.74
CA GLY A 117 7.77 -5.04 -3.35
C GLY A 117 7.63 -3.58 -2.97
N ASP A 118 6.40 -3.13 -2.74
CA ASP A 118 6.15 -1.85 -2.03
C ASP A 118 6.08 -2.17 -0.53
N PHE A 119 6.72 -1.35 0.31
CA PHE A 119 6.76 -1.60 1.78
C PHE A 119 6.87 -0.31 2.58
N ARG A 120 6.42 -0.38 3.84
CA ARG A 120 6.75 0.62 4.84
C ARG A 120 7.60 -0.06 5.93
N ALA A 121 8.92 0.16 5.82
CA ALA A 121 9.87 -0.43 6.75
C ALA A 121 9.50 -0.17 8.20
N ASP A 122 9.66 -1.20 9.03
CA ASP A 122 9.37 -1.11 10.47
C ASP A 122 10.39 -1.93 11.25
N PRO A 123 10.75 -1.50 12.49
CA PRO A 123 11.65 -2.34 13.31
C PRO A 123 11.17 -3.77 13.58
N SER A 124 9.85 -4.01 13.57
CA SER A 124 9.32 -5.36 13.73
C SER A 124 9.86 -6.37 12.69
N MET A 125 10.20 -5.87 11.49
CA MET A 125 10.82 -6.71 10.44
C MET A 125 12.20 -7.28 10.82
N GLU A 126 12.87 -6.64 11.78
CA GLU A 126 14.18 -7.08 12.26
C GLU A 126 14.07 -8.36 13.12
N ARG A 127 12.85 -8.76 13.50
CA ARG A 127 12.57 -9.99 14.25
C ARG A 127 11.81 -11.05 13.42
N SER A 128 11.65 -10.83 12.12
CA SER A 128 11.12 -11.85 11.19
C SER A 128 12.20 -12.89 10.85
N LEU A 129 11.88 -13.80 9.92
CA LEU A 129 12.86 -14.75 9.32
C LEU A 129 14.07 -14.07 8.62
N LEU A 130 14.02 -12.76 8.38
CA LEU A 130 15.20 -12.00 7.93
C LEU A 130 16.38 -12.01 8.90
N ALA A 131 16.11 -12.21 10.19
CA ALA A 131 17.17 -12.22 11.20
C ALA A 131 18.20 -13.37 11.01
N ASP A 132 17.73 -14.48 10.46
CA ASP A 132 18.45 -15.77 10.32
C ASP A 132 19.66 -15.89 9.43
N GLN A 133 19.68 -15.14 8.34
CA GLN A 133 20.73 -15.29 7.32
C GLN A 133 21.04 -13.98 6.59
N LYS A 134 22.15 -14.04 5.87
CA LYS A 134 22.69 -12.94 5.13
C LYS A 134 21.90 -12.75 3.85
N VAL A 135 21.68 -11.48 3.47
CA VAL A 135 21.04 -11.11 2.19
C VAL A 135 22.07 -10.40 1.31
N HIS A 136 22.30 -10.94 0.12
CA HIS A 136 23.32 -10.40 -0.80
C HIS A 136 22.82 -9.24 -1.66
N MET A 137 21.60 -9.38 -2.22
CA MET A 137 21.02 -8.37 -3.11
C MET A 137 19.63 -7.98 -2.59
N LEU A 138 19.38 -6.67 -2.61
CA LEU A 138 18.12 -6.05 -2.16
C LEU A 138 17.47 -5.25 -3.29
N TYR A 139 16.25 -5.65 -3.70
CA TYR A 139 15.45 -4.91 -4.70
C TYR A 139 14.49 -4.05 -3.88
N LEU A 140 14.78 -2.74 -3.81
CA LEU A 140 14.25 -1.83 -2.79
C LEU A 140 13.21 -0.83 -3.30
N ASP A 141 12.08 -0.74 -2.59
CA ASP A 141 11.07 0.33 -2.78
C ASP A 141 11.68 1.66 -2.28
N THR A 142 12.14 2.45 -3.25
CA THR A 142 12.80 3.73 -3.03
C THR A 142 11.89 4.96 -3.25
N THR A 143 10.57 4.77 -3.14
CA THR A 143 9.60 5.85 -3.41
C THR A 143 10.00 7.20 -2.76
N TYR A 144 10.31 7.17 -1.45
CA TYR A 144 10.65 8.38 -0.68
C TYR A 144 12.13 8.42 -0.20
N CYS A 145 13.04 8.04 -1.11
CA CYS A 145 14.49 8.03 -0.81
C CYS A 145 15.16 9.42 -0.95
N SER A 146 14.78 10.34 -0.05
CA SER A 146 15.42 11.66 0.09
C SER A 146 14.99 12.25 1.45
N PRO A 147 15.89 12.98 2.14
CA PRO A 147 15.61 13.35 3.54
C PRO A 147 14.45 14.33 3.79
N GLU A 148 13.97 15.03 2.77
CA GLU A 148 12.78 15.88 2.92
C GLU A 148 11.50 15.10 3.19
N TYR A 149 11.49 13.80 2.91
CA TYR A 149 10.30 12.99 3.09
C TYR A 149 10.20 12.50 4.53
N THR A 150 9.52 13.32 5.33
CA THR A 150 9.18 13.03 6.71
C THR A 150 7.65 12.97 6.77
N PHE A 151 7.13 12.08 7.59
CA PHE A 151 5.70 12.10 7.93
C PHE A 151 5.49 11.37 9.27
N PRO A 152 4.32 11.57 9.87
CA PRO A 152 4.11 10.96 11.21
C PRO A 152 3.86 9.44 11.14
N SER A 153 3.81 8.80 12.30
CA SER A 153 3.37 7.41 12.37
C SER A 153 1.90 7.30 11.93
N GLN A 154 1.54 6.14 11.40
CA GLN A 154 0.14 5.85 11.09
C GLN A 154 -0.76 6.04 12.34
N GLN A 155 -0.28 5.61 13.52
CA GLN A 155 -1.04 5.74 14.79
C GLN A 155 -1.35 7.22 15.08
N GLU A 156 -0.38 8.13 14.91
CA GLU A 156 -0.61 9.58 15.17
C GLU A 156 -1.65 10.17 14.19
N VAL A 157 -1.59 9.74 12.92
CA VAL A 157 -2.52 10.24 11.90
C VAL A 157 -3.94 9.76 12.19
N ILE A 158 -4.09 8.50 12.59
CA ILE A 158 -5.42 7.96 12.95
C ILE A 158 -5.98 8.65 14.21
N ARG A 159 -5.14 8.90 15.22
CA ARG A 159 -5.60 9.67 16.40
C ARG A 159 -6.18 11.02 15.99
N PHE A 160 -5.47 11.74 15.11
CA PHE A 160 -5.97 13.02 14.61
C PHE A 160 -7.32 12.89 13.89
N ALA A 161 -7.44 11.92 13.00
CA ALA A 161 -8.68 11.70 12.27
C ALA A 161 -9.88 11.35 13.16
N ILE A 162 -9.68 10.39 14.08
CA ILE A 162 -10.75 10.00 15.05
C ILE A 162 -11.21 11.21 15.88
N ASN A 163 -10.25 11.94 16.44
CA ASN A 163 -10.58 13.09 17.32
C ASN A 163 -11.31 14.19 16.55
N THR A 164 -10.84 14.49 15.35
CA THR A 164 -11.47 15.46 14.45
C THR A 164 -12.92 15.11 14.07
N ALA A 165 -13.12 13.86 13.65
CA ALA A 165 -14.45 13.40 13.27
C ALA A 165 -15.42 13.36 14.46
N PHE A 166 -14.96 12.82 15.58
CA PHE A 166 -15.79 12.72 16.78
C PHE A 166 -16.21 14.10 17.27
N GLU A 167 -15.27 15.07 17.30
CA GLU A 167 -15.62 16.44 17.72
C GLU A 167 -16.69 17.04 16.81
N ALA A 168 -16.48 16.94 15.48
CA ALA A 168 -17.37 17.56 14.51
C ALA A 168 -18.82 17.02 14.57
N VAL A 169 -18.98 15.70 14.69
CA VAL A 169 -20.29 15.07 14.70
C VAL A 169 -20.98 15.21 16.07
N THR A 170 -20.20 15.31 17.15
CA THR A 170 -20.78 15.57 18.49
C THR A 170 -21.30 17.00 18.58
N LEU A 171 -20.57 17.95 17.99
CA LEU A 171 -21.06 19.35 17.89
C LEU A 171 -22.28 19.47 16.97
N ASN A 172 -22.27 18.74 15.84
CA ASN A 172 -23.36 18.72 14.87
C ASN A 172 -23.75 17.29 14.48
N PRO A 173 -24.78 16.72 15.15
CA PRO A 173 -25.24 15.36 14.80
C PRO A 173 -25.77 15.15 13.36
N HIS A 174 -26.06 16.23 12.64
CA HIS A 174 -26.44 16.18 11.23
C HIS A 174 -25.28 16.37 10.22
N ALA A 175 -24.03 16.29 10.69
CA ALA A 175 -22.86 16.27 9.81
C ALA A 175 -22.60 14.86 9.23
N LEU A 176 -22.19 14.82 7.96
CA LEU A 176 -21.76 13.58 7.27
C LEU A 176 -20.24 13.58 7.14
N VAL A 177 -19.61 12.42 7.39
CA VAL A 177 -18.17 12.25 7.14
C VAL A 177 -17.97 11.49 5.83
N VAL A 178 -17.08 11.99 4.98
CA VAL A 178 -16.72 11.33 3.70
C VAL A 178 -15.22 11.05 3.65
N CYS A 179 -14.84 9.85 3.20
N CYS A 179 -14.84 9.86 3.21
CA CYS A 179 -13.43 9.48 2.97
CA CYS A 179 -13.44 9.49 2.97
C CYS A 179 -13.20 9.06 1.53
C CYS A 179 -13.26 9.17 1.48
N GLY A 180 -12.14 9.60 0.92
CA GLY A 180 -11.75 9.23 -0.47
C GLY A 180 -10.94 7.96 -0.55
N THR A 181 -11.12 7.21 -1.65
CA THR A 181 -10.34 6.00 -1.97
C THR A 181 -10.22 5.82 -3.52
N TYR A 182 -9.11 5.22 -3.98
CA TYR A 182 -8.99 4.82 -5.41
C TYR A 182 -8.31 3.45 -5.65
N SER A 183 -8.00 2.78 -4.55
CA SER A 183 -7.31 1.50 -4.57
C SER A 183 -7.46 0.88 -3.17
N ILE A 184 -7.06 -0.36 -3.03
CA ILE A 184 -6.93 -0.95 -1.69
C ILE A 184 -5.76 -0.28 -0.94
N GLY A 185 -5.77 -0.44 0.37
CA GLY A 185 -4.86 0.27 1.27
C GLY A 185 -5.55 1.38 2.05
N LYS A 186 -5.01 1.67 3.24
CA LYS A 186 -5.43 2.81 4.07
C LYS A 186 -6.86 2.62 4.64
N GLU A 187 -7.29 1.38 4.72
CA GLU A 187 -8.64 1.06 5.24
C GLU A 187 -8.82 1.52 6.70
N LYS A 188 -7.73 1.52 7.49
CA LYS A 188 -7.81 1.98 8.89
C LYS A 188 -8.43 3.39 9.03
N VAL A 189 -8.18 4.27 8.07
CA VAL A 189 -8.73 5.64 8.14
C VAL A 189 -10.26 5.62 8.32
N PHE A 190 -10.96 4.98 7.38
CA PHE A 190 -12.42 4.97 7.42
C PHE A 190 -12.98 4.01 8.49
N LEU A 191 -12.30 2.89 8.71
CA LEU A 191 -12.76 1.95 9.74
C LEU A 191 -12.69 2.54 11.16
N ALA A 192 -11.60 3.23 11.46
CA ALA A 192 -11.43 3.85 12.78
C ALA A 192 -12.41 5.00 13.03
N ILE A 193 -12.69 5.79 11.99
CA ILE A 193 -13.68 6.88 12.13
C ILE A 193 -15.09 6.28 12.36
N ALA A 194 -15.49 5.30 11.56
CA ALA A 194 -16.80 4.66 11.76
C ALA A 194 -16.98 4.03 13.17
N ASP A 195 -15.89 3.44 13.66
CA ASP A 195 -15.92 2.79 14.99
C ASP A 195 -16.18 3.81 16.12
N VAL A 196 -15.50 4.96 16.07
CA VAL A 196 -15.72 6.01 17.10
C VAL A 196 -17.13 6.63 17.02
N LEU A 197 -17.72 6.65 15.83
CA LEU A 197 -19.05 7.23 15.61
C LEU A 197 -20.21 6.24 15.77
N GLY A 198 -19.91 4.95 15.95
CA GLY A 198 -20.97 3.92 16.07
C GLY A 198 -21.75 3.68 14.80
N SER A 199 -21.07 3.75 13.66
CA SER A 199 -21.68 3.65 12.35
C SER A 199 -20.95 2.57 11.54
N LYS A 200 -21.66 2.01 10.55
CA LYS A 200 -20.99 1.26 9.48
C LYS A 200 -20.52 2.24 8.41
N VAL A 201 -19.60 1.78 7.56
CA VAL A 201 -19.12 2.57 6.43
C VAL A 201 -19.91 2.19 5.18
N GLY A 202 -20.56 3.18 4.56
CA GLY A 202 -21.34 2.99 3.33
C GLY A 202 -20.52 3.22 2.07
N MET A 203 -20.75 2.40 1.05
CA MET A 203 -19.96 2.42 -0.18
C MET A 203 -20.70 1.76 -1.34
N SER A 204 -20.16 1.94 -2.56
CA SER A 204 -20.69 1.26 -3.75
C SER A 204 -20.59 -0.27 -3.67
N GLN A 205 -21.38 -0.93 -4.51
CA GLN A 205 -21.29 -2.39 -4.62
C GLN A 205 -19.89 -2.87 -5.03
N GLU A 206 -19.25 -2.16 -5.95
CA GLU A 206 -17.91 -2.51 -6.44
C GLU A 206 -16.86 -2.44 -5.32
N LYS A 207 -16.89 -1.35 -4.54
CA LYS A 207 -15.95 -1.21 -3.41
C LYS A 207 -16.23 -2.23 -2.29
N TYR A 208 -17.52 -2.49 -2.01
CA TYR A 208 -17.88 -3.55 -1.05
C TYR A 208 -17.30 -4.92 -1.46
N LYS A 209 -17.43 -5.27 -2.75
CA LYS A 209 -16.85 -6.51 -3.30
C LYS A 209 -15.36 -6.61 -3.01
N THR A 210 -14.64 -5.55 -3.31
CA THR A 210 -13.19 -5.49 -3.08
C THR A 210 -12.86 -5.76 -1.60
N LEU A 211 -13.54 -5.04 -0.69
CA LEU A 211 -13.28 -5.24 0.75
C LEU A 211 -13.60 -6.64 1.25
N GLN A 212 -14.64 -7.27 0.69
CA GLN A 212 -14.96 -8.66 1.05
C GLN A 212 -13.87 -9.70 0.69
N CYS A 213 -12.95 -9.35 -0.20
CA CYS A 213 -11.78 -10.21 -0.56
C CYS A 213 -10.57 -10.15 0.41
N LEU A 214 -10.59 -9.26 1.41
CA LEU A 214 -9.38 -8.91 2.24
C LEU A 214 -9.10 -9.61 3.60
N ASN A 215 -9.87 -10.62 3.94
CA ASN A 215 -9.77 -11.31 5.26
C ASN A 215 -9.65 -10.38 6.50
N ILE A 216 -10.40 -9.27 6.50
CA ILE A 216 -10.41 -8.38 7.66
C ILE A 216 -11.42 -8.97 8.65
N PRO A 217 -10.99 -9.25 9.90
CA PRO A 217 -11.87 -9.77 10.96
C PRO A 217 -13.10 -8.93 11.21
N GLU A 218 -14.24 -9.62 11.36
CA GLU A 218 -15.53 -9.01 11.66
C GLU A 218 -15.99 -7.97 10.62
N ILE A 219 -15.55 -8.11 9.38
CA ILE A 219 -15.84 -7.11 8.32
C ILE A 219 -17.35 -6.90 8.08
N ASN A 220 -18.14 -7.97 8.14
CA ASN A 220 -19.60 -7.85 7.97
C ASN A 220 -20.25 -6.90 8.99
N SER A 221 -19.63 -6.76 10.18
CA SER A 221 -20.07 -5.81 11.19
C SER A 221 -19.64 -4.34 10.94
N LEU A 222 -18.75 -4.08 9.97
CA LEU A 222 -18.18 -2.71 9.77
C LEU A 222 -18.54 -1.96 8.45
N ILE A 223 -18.96 -2.68 7.42
CA ILE A 223 -19.21 -2.09 6.10
C ILE A 223 -20.61 -2.44 5.56
N THR A 224 -21.10 -1.60 4.63
CA THR A 224 -22.44 -1.78 4.06
C THR A 224 -22.61 -1.11 2.70
N THR A 225 -23.56 -1.61 1.90
CA THR A 225 -23.99 -0.94 0.68
C THR A 225 -25.21 -0.02 0.90
N ASP A 226 -25.78 -0.04 2.10
CA ASP A 226 -26.93 0.81 2.44
C ASP A 226 -26.43 2.19 2.91
N MET A 227 -26.33 3.12 1.96
CA MET A 227 -25.81 4.47 2.22
C MET A 227 -26.64 5.22 3.26
N CYS A 228 -27.96 5.04 3.19
CA CYS A 228 -28.91 5.75 4.07
C CYS A 228 -28.78 5.41 5.55
N SER A 229 -28.29 4.20 5.86
CA SER A 229 -28.08 3.77 7.25
C SER A 229 -26.75 4.24 7.85
N SER A 230 -25.86 4.81 7.04
CA SER A 230 -24.48 5.11 7.42
C SER A 230 -24.21 6.62 7.45
N LEU A 231 -23.40 7.07 8.41
CA LEU A 231 -22.92 8.49 8.40
C LEU A 231 -21.41 8.62 8.13
N VAL A 232 -20.78 7.53 7.67
CA VAL A 232 -19.43 7.59 7.08
C VAL A 232 -19.56 6.99 5.68
N HIS A 233 -19.32 7.79 4.65
CA HIS A 233 -19.42 7.33 3.24
C HIS A 233 -18.07 7.32 2.55
N LEU A 234 -17.82 6.31 1.72
CA LEU A 234 -16.62 6.26 0.86
C LEU A 234 -16.98 6.68 -0.55
N LEU A 235 -16.17 7.56 -1.12
CA LEU A 235 -16.33 7.99 -2.52
C LEU A 235 -14.99 7.88 -3.24
N PRO A 236 -15.02 7.82 -4.60
CA PRO A 236 -13.77 7.92 -5.38
C PRO A 236 -12.96 9.15 -5.02
N MET A 237 -11.64 9.02 -4.97
CA MET A 237 -10.73 10.12 -4.60
C MET A 237 -10.98 11.36 -5.46
N MET A 238 -11.28 11.16 -6.75
CA MET A 238 -11.60 12.25 -7.68
C MET A 238 -12.78 13.14 -7.31
N GLN A 239 -13.73 12.59 -6.55
CA GLN A 239 -14.90 13.34 -6.09
C GLN A 239 -14.65 14.17 -4.81
N ILE A 240 -13.47 14.05 -4.20
CA ILE A 240 -13.20 14.77 -2.93
C ILE A 240 -12.70 16.18 -3.26
N ASN A 241 -13.67 17.03 -3.60
CA ASN A 241 -13.46 18.44 -3.93
C ASN A 241 -14.78 19.16 -3.69
N PHE A 242 -14.77 20.49 -3.67
CA PHE A 242 -15.98 21.22 -3.27
C PHE A 242 -17.18 20.92 -4.18
N LYS A 243 -16.95 20.88 -5.50
CA LYS A 243 -18.01 20.56 -6.47
C LYS A 243 -18.59 19.16 -6.26
N GLY A 244 -17.72 18.16 -6.14
CA GLY A 244 -18.16 16.77 -5.99
C GLY A 244 -18.88 16.48 -4.69
N LEU A 245 -18.45 17.16 -3.62
CA LEU A 245 -19.05 16.97 -2.29
C LEU A 245 -20.40 17.69 -2.15
N GLN A 246 -20.51 18.89 -2.72
CA GLN A 246 -21.80 19.61 -2.85
C GLN A 246 -22.84 18.74 -3.54
N SER A 247 -22.43 18.12 -4.64
CA SER A 247 -23.29 17.23 -5.43
C SER A 247 -23.73 16.01 -4.61
N HIS A 248 -22.80 15.43 -3.85
CA HIS A 248 -23.13 14.30 -2.98
C HIS A 248 -24.14 14.67 -1.88
N LEU A 249 -23.96 15.84 -1.27
CA LEU A 249 -24.85 16.31 -0.21
C LEU A 249 -26.29 16.48 -0.71
N LYS A 250 -26.43 16.98 -1.94
CA LYS A 250 -27.75 17.08 -2.58
C LYS A 250 -28.46 15.71 -2.64
N LYS A 251 -27.72 14.66 -2.98
CA LYS A 251 -28.27 13.31 -3.11
C LYS A 251 -28.78 12.69 -1.80
N CYS A 252 -28.29 13.17 -0.66
CA CYS A 252 -28.66 12.61 0.65
C CYS A 252 -30.02 13.09 1.19
N GLY A 253 -30.71 13.95 0.45
CA GLY A 253 -32.12 14.24 0.69
C GLY A 253 -32.46 15.01 1.94
N GLY A 254 -31.57 15.90 2.38
CA GLY A 254 -31.77 16.68 3.59
C GLY A 254 -31.61 15.92 4.89
N LYS A 255 -30.91 14.78 4.86
CA LYS A 255 -30.53 14.07 6.06
C LYS A 255 -29.36 14.80 6.75
N TYR A 256 -28.52 15.45 5.94
CA TYR A 256 -27.31 16.10 6.41
C TYR A 256 -27.23 17.55 5.98
N ASN A 257 -26.55 18.36 6.77
CA ASN A 257 -26.39 19.82 6.52
C ASN A 257 -24.93 20.32 6.57
N GLN A 258 -23.98 19.38 6.64
CA GLN A 258 -22.54 19.67 6.71
C GLN A 258 -21.77 18.42 6.24
N ILE A 259 -20.62 18.62 5.57
CA ILE A 259 -19.66 17.52 5.25
C ILE A 259 -18.27 17.82 5.80
N LEU A 260 -17.71 16.81 6.48
CA LEU A 260 -16.31 16.75 6.86
C LEU A 260 -15.68 15.64 6.00
N ALA A 261 -14.71 15.99 5.15
CA ALA A 261 -14.10 15.02 4.23
C ALA A 261 -12.60 14.85 4.46
N PHE A 262 -12.12 13.62 4.24
CA PHE A 262 -10.69 13.27 4.38
C PHE A 262 -10.11 12.75 3.05
N ARG A 263 -8.93 13.27 2.68
CA ARG A 263 -8.12 12.80 1.52
C ARG A 263 -6.82 12.26 2.09
N PRO A 264 -6.69 10.91 2.21
CA PRO A 264 -5.45 10.34 2.73
C PRO A 264 -4.41 10.22 1.63
N THR A 265 -3.62 11.27 1.49
CA THR A 265 -2.52 11.31 0.53
C THR A 265 -1.35 10.54 1.11
N GLY A 266 -0.25 10.50 0.37
CA GLY A 266 1.05 10.22 0.96
C GLY A 266 1.63 11.55 1.44
N TRP A 267 2.93 11.71 1.21
CA TRP A 267 3.59 12.98 1.50
C TRP A 267 3.09 14.10 0.58
N THR A 268 2.92 15.27 1.18
CA THR A 268 2.82 16.54 0.46
C THR A 268 3.82 17.54 1.11
N HIS A 269 4.41 18.44 0.32
CA HIS A 269 5.30 19.56 0.78
C HIS A 269 4.90 20.32 2.05
N SER A 270 3.61 20.40 2.37
CA SER A 270 3.16 20.95 3.67
C SER A 270 3.68 20.18 4.93
N ASN A 271 4.20 18.95 4.74
CA ASN A 271 4.94 18.22 5.81
C ASN A 271 6.25 18.88 6.25
N LYS A 272 6.89 19.61 5.33
CA LYS A 272 8.14 20.32 5.63
C LYS A 272 7.96 21.50 6.60
N PHE A 273 6.76 22.07 6.64
CA PHE A 273 6.44 23.22 7.50
C PHE A 273 5.64 22.88 8.76
N THR A 274 4.73 21.90 8.67
CA THR A 274 3.69 21.69 9.68
C THR A 274 3.78 20.34 10.37
N ARG A 275 3.27 20.28 11.61
CA ARG A 275 3.08 19.03 12.38
C ARG A 275 1.63 18.56 12.30
N ILE A 276 1.40 17.26 12.51
CA ILE A 276 0.05 16.67 12.38
C ILE A 276 -0.99 17.41 13.23
N ALA A 277 -0.62 17.74 14.47
CA ALA A 277 -1.51 18.44 15.40
C ALA A 277 -1.99 19.81 14.90
N ASP A 278 -1.16 20.49 14.09
CA ASP A 278 -1.46 21.82 13.55
C ASP A 278 -2.19 21.81 12.18
N VAL A 279 -2.53 20.62 11.65
CA VAL A 279 -3.20 20.51 10.34
C VAL A 279 -4.60 21.14 10.37
N ILE A 280 -4.91 21.89 9.32
CA ILE A 280 -6.19 22.59 9.17
C ILE A 280 -6.80 22.27 7.82
N PRO A 281 -8.13 22.37 7.71
CA PRO A 281 -8.79 22.05 6.45
C PRO A 281 -8.89 23.23 5.49
N GLN A 282 -9.23 22.91 4.24
CA GLN A 282 -9.77 23.90 3.30
C GLN A 282 -11.28 23.90 3.47
N THR A 283 -11.88 25.09 3.61
CA THR A 283 -13.32 25.20 3.89
C THR A 283 -14.00 26.13 2.88
N LYS A 284 -15.22 25.75 2.48
CA LYS A 284 -16.11 26.60 1.68
C LYS A 284 -17.55 26.32 2.12
N GLY A 285 -18.20 27.31 2.72
CA GLY A 285 -19.55 27.12 3.26
C GLY A 285 -19.58 26.00 4.30
N ASN A 286 -20.48 25.04 4.10
CA ASN A 286 -20.68 23.92 5.04
C ASN A 286 -19.86 22.66 4.68
N ILE A 287 -18.76 22.83 3.92
CA ILE A 287 -17.89 21.72 3.52
C ILE A 287 -16.45 22.03 3.92
N SER A 288 -15.81 21.07 4.62
CA SER A 288 -14.40 21.14 4.98
C SER A 288 -13.67 19.88 4.49
N ILE A 289 -12.44 20.06 3.95
CA ILE A 289 -11.62 18.96 3.42
C ILE A 289 -10.24 18.95 4.08
N TYR A 290 -9.91 17.83 4.74
CA TYR A 290 -8.60 17.61 5.37
C TYR A 290 -7.73 16.72 4.50
N GLY A 291 -6.52 17.15 4.20
CA GLY A 291 -5.50 16.28 3.61
C GLY A 291 -4.65 15.72 4.73
N ILE A 292 -4.61 14.40 4.89
CA ILE A 292 -3.89 13.80 6.01
C ILE A 292 -2.76 12.89 5.47
N PRO A 293 -1.54 13.00 6.04
CA PRO A 293 -0.36 12.29 5.50
C PRO A 293 -0.27 10.83 5.97
N TYR A 294 -1.23 10.00 5.55
CA TYR A 294 -1.25 8.59 5.89
C TYR A 294 -0.44 7.80 4.83
N SER A 295 0.80 7.42 5.17
CA SER A 295 1.68 6.74 4.19
C SER A 295 1.73 5.23 4.38
N GLU A 296 1.67 4.50 3.26
CA GLU A 296 2.00 3.06 3.23
C GLU A 296 3.36 2.76 2.55
N HIS A 297 4.23 3.78 2.47
CA HIS A 297 5.63 3.62 2.05
C HIS A 297 6.57 4.15 3.16
N SER A 298 7.79 3.58 3.21
CA SER A 298 8.81 4.03 4.16
C SER A 298 9.08 5.53 4.06
N SER A 299 9.21 6.21 5.21
CA SER A 299 9.88 7.51 5.25
C SER A 299 11.37 7.32 4.93
N TYR A 300 12.08 8.42 4.64
CA TYR A 300 13.53 8.32 4.45
C TYR A 300 14.23 7.65 5.66
N LEU A 301 13.92 8.11 6.87
CA LEU A 301 14.58 7.55 8.08
C LEU A 301 14.24 6.07 8.32
N GLU A 302 12.99 5.68 8.07
CA GLU A 302 12.60 4.25 8.19
C GLU A 302 13.36 3.36 7.18
N MET A 303 13.45 3.83 5.93
CA MET A 303 14.20 3.13 4.88
C MET A 303 15.68 2.97 5.23
N LYS A 304 16.29 4.09 5.67
CA LYS A 304 17.70 4.08 6.07
C LYS A 304 17.98 3.08 7.21
N ARG A 305 17.14 3.08 8.25
CA ARG A 305 17.31 2.14 9.38
C ARG A 305 17.24 0.68 8.92
N PHE A 306 16.23 0.36 8.11
CA PHE A 306 16.11 -1.00 7.57
C PHE A 306 17.33 -1.47 6.78
N VAL A 307 17.82 -0.64 5.85
CA VAL A 307 18.96 -1.00 5.01
C VAL A 307 20.24 -1.11 5.84
N GLN A 308 20.46 -0.18 6.78
CA GLN A 308 21.67 -0.26 7.66
C GLN A 308 21.65 -1.47 8.59
N TRP A 309 20.46 -1.95 8.95
CA TRP A 309 20.31 -3.21 9.71
C TRP A 309 20.61 -4.45 8.83
N LEU A 310 20.02 -4.47 7.64
CA LEU A 310 20.13 -5.62 6.72
C LEU A 310 21.55 -5.80 6.16
N LYS A 311 22.25 -4.68 5.89
CA LYS A 311 23.64 -4.69 5.36
C LYS A 311 23.80 -5.49 4.03
N PRO A 312 22.97 -5.17 3.02
CA PRO A 312 23.07 -5.86 1.74
C PRO A 312 24.35 -5.53 0.98
N GLN A 313 24.85 -6.46 0.16
CA GLN A 313 26.06 -6.22 -0.64
C GLN A 313 25.79 -5.35 -1.88
N LYS A 314 24.57 -5.43 -2.42
CA LYS A 314 24.16 -4.67 -3.60
C LYS A 314 22.69 -4.26 -3.45
N ILE A 315 22.37 -3.02 -3.83
CA ILE A 315 20.99 -2.50 -3.83
C ILE A 315 20.57 -2.15 -5.26
N ILE A 316 19.37 -2.62 -5.65
CA ILE A 316 18.75 -2.34 -6.94
C ILE A 316 17.42 -1.59 -6.65
N PRO A 317 17.39 -0.26 -6.91
CA PRO A 317 16.12 0.47 -6.74
C PRO A 317 15.03 0.02 -7.73
N THR A 318 13.77 0.01 -7.27
CA THR A 318 12.61 -0.32 -8.15
C THR A 318 11.64 0.86 -8.39
N VAL A 319 11.93 2.02 -7.78
CA VAL A 319 11.12 3.25 -7.93
C VAL A 319 12.03 4.47 -8.16
N ASN A 320 11.56 5.42 -8.97
CA ASN A 320 12.33 6.59 -9.36
C ASN A 320 13.55 6.22 -10.24
N VAL A 321 13.40 5.17 -11.04
CA VAL A 321 14.49 4.65 -11.86
C VAL A 321 14.67 5.33 -13.24
N GLY A 322 13.72 6.20 -13.61
CA GLY A 322 13.66 6.75 -14.96
C GLY A 322 14.50 7.97 -15.30
N THR A 323 15.08 8.65 -14.31
CA THR A 323 15.93 9.84 -14.56
C THR A 323 17.34 9.69 -13.99
N TRP A 324 18.33 10.30 -14.66
CA TRP A 324 19.69 10.23 -14.17
C TRP A 324 19.85 10.96 -12.85
N LYS A 325 19.14 12.09 -12.68
CA LYS A 325 19.18 12.84 -11.42
C LYS A 325 18.68 11.99 -10.25
N SER A 326 17.56 11.30 -10.42
CA SER A 326 17.03 10.43 -9.34
C SER A 326 17.99 9.29 -9.04
N ARG A 327 18.50 8.63 -10.09
CA ARG A 327 19.41 7.48 -9.90
C ARG A 327 20.69 7.92 -9.15
N SER A 328 21.27 9.05 -9.54
CA SER A 328 22.48 9.60 -8.87
C SER A 328 22.23 9.96 -7.40
N THR A 329 21.10 10.60 -7.13
CA THR A 329 20.70 10.96 -5.76
C THR A 329 20.60 9.70 -4.87
N MET A 330 19.90 8.68 -5.36
CA MET A 330 19.73 7.44 -4.58
C MET A 330 21.05 6.72 -4.30
N GLU A 331 21.90 6.61 -5.32
N GLU A 331 21.90 6.60 -5.32
CA GLU A 331 23.23 6.01 -5.20
CA GLU A 331 23.22 5.98 -5.15
C GLU A 331 24.13 6.73 -4.18
C GLU A 331 24.09 6.72 -4.13
N LYS A 332 24.05 8.05 -4.12
CA LYS A 332 24.80 8.84 -3.12
C LYS A 332 24.33 8.52 -1.70
N TYR A 333 23.02 8.38 -1.50
CA TYR A 333 22.50 8.00 -0.17
C TYR A 333 22.90 6.58 0.22
N PHE A 334 22.85 5.63 -0.72
CA PHE A 334 23.25 4.25 -0.39
C PHE A 334 24.71 4.22 0.09
N ARG A 335 25.58 4.99 -0.57
CA ARG A 335 27.01 5.05 -0.16
C ARG A 335 27.19 5.72 1.20
N GLU A 336 26.47 6.81 1.46
N GLU A 336 26.46 6.79 1.47
CA GLU A 336 26.49 7.42 2.79
CA GLU A 336 26.48 7.44 2.78
C GLU A 336 26.14 6.38 3.86
C GLU A 336 26.05 6.49 3.90
N TRP A 337 25.03 5.66 3.63
CA TRP A 337 24.54 4.70 4.64
C TRP A 337 25.57 3.59 4.94
N LYS A 338 26.21 3.11 3.88
CA LYS A 338 27.25 2.07 3.97
C LYS A 338 28.48 2.57 4.75
N LEU A 339 28.94 3.78 4.43
CA LEU A 339 30.11 4.38 5.12
C LEU A 339 29.83 4.67 6.61
N GLU A 340 28.63 5.17 6.92
CA GLU A 340 28.27 5.46 8.32
C GLU A 340 28.23 4.18 9.15
N ALA A 341 27.62 3.12 8.61
CA ALA A 341 27.41 1.87 9.34
C ALA A 341 28.59 0.90 9.29
N GLY A 342 29.47 1.03 8.31
CA GLY A 342 30.70 0.22 8.21
C GLY A 342 30.63 -1.12 7.47
N TYR A 343 29.55 -1.38 6.72
CA TYR A 343 29.43 -2.63 5.93
C TYR A 343 29.99 -2.45 4.52
C1 MLI B . 0.77 2.59 -5.69
C2 MLI B . 1.46 2.86 -4.36
C3 MLI B . 1.43 1.51 -6.53
O6 MLI B . 1.77 4.01 -4.01
O7 MLI B . 1.65 1.91 -3.59
O8 MLI B . 1.66 1.73 -7.75
O9 MLI B . 1.67 0.43 -5.96
NI NI C . 1.66 -0.17 -4.00
N1 AWV D . 7.17 -11.74 10.83
C4 AWV D . 7.09 -10.46 10.36
C5 AWV D . 7.31 -9.61 11.47
C6 AWV D . 7.28 -8.21 11.28
C7 AWV D . 7.53 -10.44 12.62
C8 AWV D . 7.43 -11.72 12.18
C10 AWV D . 7.15 -9.84 16.43
C13 AWV D . 4.27 -8.89 16.86
C15 AWV D . 5.48 -9.33 14.68
C1 AWV D . 7.05 -7.73 10.01
C2 AWV D . 6.84 -8.59 8.93
C3 AWV D . 6.86 -9.96 9.09
C9 AWV D . 7.82 -9.94 14.02
N2 AWV D . 6.70 -10.13 15.02
C11 AWV D . 6.25 -10.40 17.52
C12 AWV D . 5.14 -9.44 17.96
C14 AWV D . 4.27 -9.65 15.55
#